data_7EBM
#
_entry.id   7EBM
#
_cell.length_a   58.574
_cell.length_b   55.986
_cell.length_c   80.319
_cell.angle_alpha   90.00
_cell.angle_beta   101.84
_cell.angle_gamma   90.00
#
_symmetry.space_group_name_H-M   'P 1 21 1'
#
loop_
_entity.id
_entity.type
_entity.pdbx_description
1 polymer 'Peptide ABC transporter, periplasmic peptide-binding protein'
2 branched 2-acetamido-2-deoxy-beta-D-glucopyranose-(1-4)-2-acetamido-2-deoxy-beta-D-glucopyranose
3 non-polymer 1,2-ETHANEDIOL
4 non-polymer 'CALCIUM ION'
5 non-polymer 'CHLORIDE ION'
6 non-polymer 'MAGNESIUM ION'
7 water water
#
_entity_poly.entity_id   1
_entity_poly.type   'polypeptide(L)'
_entity_poly.pdbx_seq_one_letter_code
;AERSELTIHPKEFTTFVRNFNPFLGATNLHTTTDFIYEPLVVFNEMHGNTPVFRLAENFQMSDDLMSVTFDIRKGVKWSD
GEAFTADDVVYSFNLVKEKPELDQSGINSWVTGVEKVNDYQVKFRLSEANSNVPYEIAKVPVVPKHVWSKVKDPSTFTNE
NPVGSGPFTVIDTFTPQLYIQCENPNYWDAANLDVDCLRVPQIANNDQFLGKVVNGEMDWTSSFVPDIDRTYAAASPKHH
YWYPPAGTQAFVVNFKNPDAAKNEALTNVDFRRAFSMALDRQTIIDIAFYGGGTVNDFASGLGYAFEAWSDEKTHDKFKA
YNSYNAEGAKKLLAKAGFKDVNKDGFVDTPSGKSFELLIQSPNGATDFNNTVQLAVEQLAEVGIKARARTPDFSVYNQAM
LEGTYDVAYTNYFHGADPYTYWNSAYNSALQSGDGMPRFAMHFYKNEKLDGLLNSFYKTADKQEQLEIAHGIQQIIAQDQ
VTIPVLSGAYMYQYNTTRFTGWWNEENPKGRPNIWAGIPERLLHVLDLKPVKLEHHHHHH
;
_entity_poly.pdbx_strand_id   A
#
loop_
_chem_comp.id
_chem_comp.type
_chem_comp.name
_chem_comp.formula
CA non-polymer 'CALCIUM ION' 'Ca 2'
CL non-polymer 'CHLORIDE ION' 'Cl -1'
EDO non-polymer 1,2-ETHANEDIOL 'C2 H6 O2'
MG non-polymer 'MAGNESIUM ION' 'Mg 2'
NAG D-saccharide, beta linking 2-acetamido-2-deoxy-beta-D-glucopyranose 'C8 H15 N O6'
#
# COMPACT_ATOMS: atom_id res chain seq x y z
N ALA A 1 -20.67 31.89 12.09
CA ALA A 1 -19.76 31.08 12.89
C ALA A 1 -19.60 29.66 12.32
N GLU A 2 -18.40 29.36 11.83
CA GLU A 2 -18.19 28.14 11.06
C GLU A 2 -17.08 27.27 11.63
N ARG A 3 -17.39 25.99 11.84
CA ARG A 3 -16.38 25.03 12.27
C ARG A 3 -15.35 24.80 11.17
N SER A 4 -14.13 24.50 11.59
CA SER A 4 -13.02 24.26 10.69
C SER A 4 -13.15 22.89 10.00
N GLU A 5 -13.80 22.83 8.84
CA GLU A 5 -13.95 21.58 8.08
C GLU A 5 -12.79 21.35 7.10
N LEU A 6 -12.17 20.19 7.20
CA LEU A 6 -11.03 19.85 6.36
C LEU A 6 -11.47 18.85 5.29
N THR A 7 -11.36 19.24 4.01
CA THR A 7 -11.90 18.40 2.94
C THR A 7 -10.81 17.49 2.40
N ILE A 8 -11.04 16.19 2.53
CA ILE A 8 -10.04 15.16 2.23
C ILE A 8 -10.62 14.14 1.22
N HIS A 9 -9.74 13.39 0.56
CA HIS A 9 -10.19 12.36 -0.40
C HIS A 9 -9.26 11.13 -0.32
N PRO A 10 -9.54 10.20 0.61
CA PRO A 10 -8.62 9.08 0.77
C PRO A 10 -8.85 7.93 -0.22
N LYS A 11 -10.05 7.83 -0.79
CA LYS A 11 -10.44 6.62 -1.50
C LYS A 11 -11.62 6.87 -2.45
N GLU A 12 -11.54 6.32 -3.66
CA GLU A 12 -12.65 6.43 -4.61
C GLU A 12 -13.81 5.58 -4.19
N PHE A 13 -15.01 6.14 -4.30
CA PHE A 13 -16.26 5.41 -4.11
C PHE A 13 -17.26 5.92 -5.12
N THR A 14 -18.21 5.09 -5.54
CA THR A 14 -19.32 5.60 -6.33
C THR A 14 -20.46 6.02 -5.40
N THR A 15 -20.56 5.35 -4.26
CA THR A 15 -21.53 5.74 -3.26
C THR A 15 -21.01 5.31 -1.89
N PHE A 16 -21.32 6.09 -0.85
CA PHE A 16 -20.84 5.77 0.48
C PHE A 16 -21.76 4.78 1.16
N VAL A 17 -21.20 3.70 1.65
CA VAL A 17 -21.94 2.81 2.53
C VAL A 17 -21.37 2.95 3.93
N ARG A 18 -22.24 3.14 4.91
CA ARG A 18 -21.83 3.43 6.28
C ARG A 18 -21.20 2.20 6.91
N ASN A 19 -19.87 2.18 6.92
CA ASN A 19 -19.12 1.06 7.48
C ASN A 19 -17.80 1.59 8.03
N PHE A 20 -17.69 1.57 9.35
CA PHE A 20 -16.50 2.06 10.04
C PHE A 20 -15.82 0.93 10.82
N ASN A 21 -15.91 -0.27 10.29
CA ASN A 21 -15.24 -1.43 10.85
C ASN A 21 -13.77 -1.45 10.41
N PRO A 22 -12.83 -1.19 11.35
CA PRO A 22 -11.42 -1.05 11.00
C PRO A 22 -10.76 -2.36 10.52
N PHE A 23 -11.41 -3.51 10.72
CA PHE A 23 -10.85 -4.79 10.25
C PHE A 23 -11.25 -5.14 8.82
N LEU A 24 -12.24 -4.44 8.28
CA LEU A 24 -12.73 -4.75 6.94
C LEU A 24 -12.23 -3.77 5.88
N GLY A 25 -10.93 -3.78 5.64
CA GLY A 25 -10.31 -2.82 4.74
C GLY A 25 -10.86 -2.79 3.32
N ALA A 26 -11.47 -3.89 2.90
CA ALA A 26 -11.95 -3.98 1.51
C ALA A 26 -13.35 -3.39 1.33
N THR A 27 -14.06 -3.13 2.41
CA THR A 27 -15.43 -2.67 2.31
C THR A 27 -15.77 -1.51 3.24
N ASN A 28 -14.80 -1.06 4.03
CA ASN A 28 -15.10 0.00 4.96
C ASN A 28 -14.79 1.36 4.34
N LEU A 29 -15.10 2.42 5.08
CA LEU A 29 -14.74 3.79 4.72
C LEU A 29 -13.30 4.05 5.16
N HIS A 30 -12.57 4.84 4.38
CA HIS A 30 -11.13 4.95 4.58
C HIS A 30 -10.69 6.09 5.48
N THR A 31 -11.58 6.52 6.37
CA THR A 31 -11.19 7.39 7.46
C THR A 31 -11.28 6.68 8.82
N THR A 32 -11.30 5.36 8.81
CA THR A 32 -11.53 4.60 10.05
C THR A 32 -10.23 4.43 10.84
N THR A 33 -9.24 3.82 10.23
CA THR A 33 -7.95 3.68 10.88
C THR A 33 -7.34 5.07 11.07
N ASP A 34 -6.53 5.23 12.12
CA ASP A 34 -5.89 6.51 12.46
C ASP A 34 -6.87 7.57 12.99
N PHE A 35 -7.92 7.90 12.24
CA PHE A 35 -8.80 8.99 12.64
C PHE A 35 -9.84 8.59 13.69
N ILE A 36 -10.35 7.38 13.62
CA ILE A 36 -11.25 6.84 14.63
C ILE A 36 -10.45 5.99 15.61
N TYR A 37 -9.65 5.08 15.06
CA TYR A 37 -8.84 4.17 15.85
C TYR A 37 -7.36 4.52 15.74
N GLU A 38 -6.89 5.20 16.77
CA GLU A 38 -5.50 5.63 16.86
C GLU A 38 -4.61 4.43 17.12
N PRO A 39 -3.43 4.40 16.51
CA PRO A 39 -2.49 3.30 16.73
C PRO A 39 -1.71 3.45 18.05
N LEU A 40 -1.02 2.39 18.48
CA LEU A 40 -0.12 2.47 19.63
C LEU A 40 1.07 3.41 19.34
N VAL A 41 1.63 3.23 18.15
CA VAL A 41 2.82 3.94 17.72
C VAL A 41 2.63 4.27 16.25
N VAL A 42 3.07 5.45 15.82
CA VAL A 42 3.24 5.72 14.40
C VAL A 42 4.72 5.71 14.05
N PHE A 43 5.13 4.82 13.16
CA PHE A 43 6.52 4.81 12.73
C PHE A 43 6.72 5.73 11.54
N ASN A 44 7.59 6.71 11.72
CA ASN A 44 7.84 7.70 10.66
C ASN A 44 8.75 7.09 9.60
N GLU A 45 8.14 6.54 8.57
CA GLU A 45 8.88 5.70 7.64
C GLU A 45 9.85 6.53 6.80
N MET A 46 9.49 7.77 6.53
CA MET A 46 10.37 8.66 5.76
C MET A 46 11.62 9.02 6.55
N HIS A 47 11.50 9.00 7.88
CA HIS A 47 12.62 9.31 8.75
C HIS A 47 13.13 8.09 9.48
N GLY A 48 13.49 7.06 8.72
CA GLY A 48 14.08 5.84 9.26
C GLY A 48 13.26 5.07 10.29
N ASN A 49 11.93 5.06 10.11
CA ASN A 49 11.02 4.39 11.04
C ASN A 49 11.17 4.86 12.47
N THR A 50 11.47 6.13 12.66
CA THR A 50 11.50 6.70 13.99
C THR A 50 10.12 6.55 14.61
N PRO A 51 10.04 5.92 15.79
CA PRO A 51 8.74 5.73 16.47
C PRO A 51 8.21 7.03 17.03
N VAL A 52 6.96 7.35 16.69
CA VAL A 52 6.23 8.43 17.35
C VAL A 52 5.13 7.83 18.23
N PHE A 53 5.28 8.00 19.53
CA PHE A 53 4.41 7.32 20.48
C PHE A 53 3.05 7.98 20.65
N ARG A 54 2.00 7.21 20.46
CA ARG A 54 0.64 7.71 20.63
C ARG A 54 -0.02 7.00 21.80
N LEU A 55 -0.79 5.95 21.54
CA LEU A 55 -1.50 5.31 22.66
C LEU A 55 -0.53 4.48 23.53
N ALA A 56 0.64 4.10 22.99
CA ALA A 56 1.72 3.54 23.78
C ALA A 56 2.76 4.63 24.06
N GLU A 57 3.46 4.53 25.18
CA GLU A 57 4.48 5.55 25.50
C GLU A 57 5.88 4.94 25.39
N ASN A 58 5.94 3.62 25.24
CA ASN A 58 7.22 2.92 25.16
C ASN A 58 7.03 1.47 24.71
N PHE A 59 8.08 0.88 24.13
CA PHE A 59 8.14 -0.57 23.92
C PHE A 59 9.58 -1.04 24.05
N GLN A 60 9.76 -2.33 24.29
CA GLN A 60 11.08 -2.92 24.42
C GLN A 60 11.10 -4.39 24.05
N MET A 61 12.01 -4.77 23.15
CA MET A 61 12.21 -6.15 22.75
C MET A 61 12.96 -6.90 23.84
N SER A 62 12.60 -8.16 24.08
CA SER A 62 13.43 -9.01 24.93
C SER A 62 14.75 -9.32 24.24
N ASP A 63 15.74 -9.79 25.01
CA ASP A 63 17.06 -10.03 24.45
C ASP A 63 17.10 -11.16 23.43
N ASP A 64 16.20 -12.13 23.52
CA ASP A 64 16.13 -13.20 22.53
C ASP A 64 15.23 -12.88 21.33
N LEU A 65 14.67 -11.66 21.32
CA LEU A 65 13.80 -11.19 20.23
C LEU A 65 12.55 -12.05 20.03
N MET A 66 12.18 -12.79 21.07
CA MET A 66 11.01 -13.67 21.04
C MET A 66 9.81 -13.09 21.79
N SER A 67 9.96 -11.89 22.33
CA SER A 67 8.81 -11.24 22.95
C SER A 67 9.04 -9.75 22.98
N VAL A 68 7.97 -8.98 23.19
CA VAL A 68 8.12 -7.54 23.30
C VAL A 68 7.03 -7.02 24.22
N THR A 69 7.39 -6.00 25.00
CA THR A 69 6.46 -5.38 25.93
C THR A 69 6.11 -3.97 25.44
N PHE A 70 4.83 -3.61 25.56
CA PHE A 70 4.38 -2.27 25.24
C PHE A 70 3.84 -1.61 26.51
N ASP A 71 4.27 -0.38 26.78
CA ASP A 71 3.71 0.40 27.87
C ASP A 71 2.58 1.26 27.32
N ILE A 72 1.42 1.19 27.95
CA ILE A 72 0.27 1.96 27.49
C ILE A 72 0.20 3.31 28.18
N ARG A 73 -0.13 4.35 27.42
CA ARG A 73 -0.31 5.68 27.99
C ARG A 73 -1.51 5.74 28.94
N LYS A 74 -1.33 6.41 30.08
CA LYS A 74 -2.41 6.59 31.03
C LYS A 74 -3.16 7.89 30.76
N GLY A 75 -4.45 7.90 31.12
CA GLY A 75 -5.25 9.11 31.00
C GLY A 75 -6.08 9.18 29.73
N VAL A 76 -5.93 8.18 28.88
CA VAL A 76 -6.60 8.19 27.57
C VAL A 76 -8.02 7.61 27.69
N LYS A 77 -9.00 8.27 27.06
CA LYS A 77 -10.40 7.82 27.07
C LYS A 77 -10.91 7.49 25.67
N TRP A 78 -11.77 6.48 25.59
CA TRP A 78 -12.59 6.27 24.40
C TRP A 78 -13.59 7.44 24.26
N SER A 79 -14.12 7.64 23.06
CA SER A 79 -14.95 8.82 22.78
C SER A 79 -16.24 8.85 23.62
N ASP A 80 -16.61 7.70 24.18
CA ASP A 80 -17.81 7.59 25.01
C ASP A 80 -17.48 7.72 26.49
N GLY A 81 -16.24 8.09 26.81
CA GLY A 81 -15.86 8.33 28.18
C GLY A 81 -15.09 7.22 28.91
N GLU A 82 -15.22 5.98 28.42
CA GLU A 82 -14.61 4.84 29.08
C GLU A 82 -13.08 4.88 28.95
N ALA A 83 -12.36 4.34 29.94
CA ALA A 83 -10.91 4.38 29.94
C ALA A 83 -10.27 3.40 28.95
N PHE A 84 -9.22 3.87 28.26
CA PHE A 84 -8.40 3.02 27.39
C PHE A 84 -7.29 2.39 28.22
N THR A 85 -7.18 1.05 28.17
CA THR A 85 -6.11 0.37 28.90
C THR A 85 -5.59 -0.81 28.12
N ALA A 86 -4.61 -1.49 28.71
CA ALA A 86 -3.99 -2.67 28.14
C ALA A 86 -5.03 -3.73 27.79
N ASP A 87 -6.13 -3.74 28.53
CA ASP A 87 -7.18 -4.74 28.29
C ASP A 87 -7.72 -4.64 26.86
N ASP A 88 -7.92 -3.41 26.39
CA ASP A 88 -8.37 -3.16 25.03
C ASP A 88 -7.39 -3.67 23.98
N VAL A 89 -6.10 -3.50 24.25
CA VAL A 89 -5.07 -4.03 23.36
C VAL A 89 -5.07 -5.56 23.36
N VAL A 90 -5.03 -6.15 24.56
CA VAL A 90 -5.03 -7.60 24.67
C VAL A 90 -6.27 -8.17 23.99
N TYR A 91 -7.41 -7.55 24.25
CA TYR A 91 -8.63 -8.00 23.58
C TYR A 91 -8.54 -7.94 22.06
N SER A 92 -8.00 -6.85 21.53
CA SER A 92 -7.98 -6.67 20.08
C SER A 92 -7.15 -7.73 19.39
N PHE A 93 -6.04 -8.12 20.02
CA PHE A 93 -5.16 -9.11 19.40
C PHE A 93 -5.73 -10.53 19.52
N ASN A 94 -6.39 -10.81 20.64
CA ASN A 94 -7.08 -12.09 20.79
C ASN A 94 -8.20 -12.20 19.76
N LEU A 95 -8.91 -11.09 19.52
CA LEU A 95 -9.97 -11.10 18.50
C LEU A 95 -9.44 -11.48 17.11
N VAL A 96 -8.39 -10.79 16.66
CA VAL A 96 -7.81 -11.07 15.36
C VAL A 96 -7.26 -12.49 15.28
N LYS A 97 -6.71 -12.96 16.39
CA LYS A 97 -6.21 -14.34 16.44
C LYS A 97 -7.32 -15.39 16.21
N GLU A 98 -8.39 -15.34 16.98
CA GLU A 98 -9.51 -16.27 16.78
C GLU A 98 -10.20 -16.12 15.42
N LYS A 99 -10.25 -14.91 14.89
CA LYS A 99 -10.91 -14.67 13.61
C LYS A 99 -9.93 -14.20 12.54
N PRO A 100 -9.14 -15.13 11.96
CA PRO A 100 -8.07 -14.77 11.02
C PRO A 100 -8.55 -14.01 9.78
N GLU A 101 -9.86 -14.08 9.52
CA GLU A 101 -10.56 -13.23 8.56
C GLU A 101 -10.18 -11.76 8.70
N LEU A 102 -10.05 -11.31 9.95
CA LEU A 102 -9.82 -9.92 10.27
C LEU A 102 -8.33 -9.52 10.24
N ASP A 103 -7.45 -10.46 9.92
CA ASP A 103 -6.01 -10.18 9.89
C ASP A 103 -5.57 -9.75 8.49
N GLN A 104 -5.45 -8.45 8.31
CA GLN A 104 -5.10 -7.91 7.00
C GLN A 104 -3.59 -7.74 6.79
N SER A 105 -2.80 -7.91 7.85
CA SER A 105 -1.36 -7.66 7.75
C SER A 105 -0.52 -8.92 7.96
N GLY A 106 -1.14 -9.98 8.45
CA GLY A 106 -0.42 -11.23 8.65
C GLY A 106 0.14 -11.40 10.05
N ILE A 107 -0.36 -10.60 11.00
CA ILE A 107 0.19 -10.55 12.33
C ILE A 107 0.10 -11.91 13.03
N ASN A 108 -0.86 -12.73 12.60
CA ASN A 108 -1.11 -14.01 13.26
C ASN A 108 0.06 -14.98 13.08
N SER A 109 0.96 -14.69 12.15
CA SER A 109 2.09 -15.58 11.93
C SER A 109 3.35 -15.05 12.60
N TRP A 110 3.20 -14.00 13.39
CA TRP A 110 4.29 -13.47 14.21
C TRP A 110 3.98 -13.59 15.70
N VAL A 111 2.77 -13.23 16.08
CA VAL A 111 2.37 -13.22 17.48
C VAL A 111 1.59 -14.47 17.84
N THR A 112 2.14 -15.30 18.73
CA THR A 112 1.43 -16.51 19.14
C THR A 112 0.53 -16.27 20.31
N GLY A 113 0.88 -15.29 21.14
CA GLY A 113 0.10 -14.97 22.31
C GLY A 113 0.33 -13.57 22.82
N VAL A 114 -0.69 -13.01 23.46
CA VAL A 114 -0.61 -11.68 24.04
C VAL A 114 -1.19 -11.69 25.45
N GLU A 115 -0.47 -11.10 26.39
CA GLU A 115 -0.94 -11.09 27.75
C GLU A 115 -0.76 -9.73 28.42
N LYS A 116 -1.63 -9.46 29.38
CA LYS A 116 -1.56 -8.24 30.15
C LYS A 116 -0.65 -8.44 31.37
N VAL A 117 0.36 -7.60 31.50
CA VAL A 117 1.27 -7.69 32.64
C VAL A 117 0.72 -6.86 33.79
N ASN A 118 0.09 -5.75 33.42
CA ASN A 118 -0.67 -4.94 34.35
C ASN A 118 -1.61 -4.08 33.52
N ASP A 119 -2.30 -3.14 34.16
CA ASP A 119 -3.36 -2.39 33.47
C ASP A 119 -2.80 -1.49 32.36
N TYR A 120 -1.50 -1.24 32.36
CA TYR A 120 -0.93 -0.37 31.33
C TYR A 120 0.33 -0.95 30.71
N GLN A 121 0.40 -2.28 30.67
CA GLN A 121 1.54 -2.96 30.09
C GLN A 121 1.13 -4.29 29.46
N VAL A 122 1.53 -4.49 28.21
CA VAL A 122 1.13 -5.65 27.44
C VAL A 122 2.35 -6.42 26.97
N LYS A 123 2.30 -7.74 27.03
CA LYS A 123 3.41 -8.56 26.53
C LYS A 123 2.99 -9.43 25.36
N PHE A 124 3.77 -9.37 24.29
CA PHE A 124 3.54 -10.16 23.10
C PHE A 124 4.55 -11.30 23.02
N ARG A 125 4.08 -12.53 22.87
CA ARG A 125 4.97 -13.66 22.62
C ARG A 125 5.01 -13.98 21.13
N LEU A 126 6.21 -14.22 20.62
CA LEU A 126 6.42 -14.43 19.19
C LEU A 126 6.59 -15.89 18.79
N SER A 127 6.23 -16.19 17.54
CA SER A 127 6.39 -17.53 16.99
C SER A 127 7.82 -17.72 16.51
N GLU A 128 8.56 -16.62 16.45
CA GLU A 128 9.80 -16.58 15.72
C GLU A 128 10.47 -15.24 15.96
N ALA A 129 11.80 -15.23 16.00
CA ALA A 129 12.54 -14.02 16.32
C ALA A 129 12.35 -12.95 15.26
N ASN A 130 11.97 -11.75 15.67
CA ASN A 130 11.71 -10.64 14.76
C ASN A 130 11.96 -9.31 15.44
N SER A 131 13.11 -8.69 15.14
CA SER A 131 13.48 -7.44 15.77
C SER A 131 12.64 -6.28 15.27
N ASN A 132 11.84 -6.51 14.22
CA ASN A 132 11.02 -5.47 13.61
C ASN A 132 9.55 -5.65 13.98
N VAL A 133 9.26 -6.55 14.91
CA VAL A 133 7.87 -6.84 15.20
C VAL A 133 7.09 -5.65 15.81
N PRO A 134 7.74 -4.69 16.53
CA PRO A 134 6.90 -3.56 16.97
C PRO A 134 6.21 -2.83 15.83
N TYR A 135 6.88 -2.79 14.69
CA TYR A 135 6.33 -2.20 13.49
C TYR A 135 5.10 -2.97 13.01
N GLU A 136 5.18 -4.30 13.02
CA GLU A 136 4.05 -5.14 12.60
C GLU A 136 2.87 -4.99 13.56
N ILE A 137 3.16 -5.04 14.84
CA ILE A 137 2.16 -4.91 15.89
C ILE A 137 1.35 -3.63 15.72
N ALA A 138 2.03 -2.54 15.35
CA ALA A 138 1.37 -1.25 15.22
C ALA A 138 0.34 -1.18 14.10
N LYS A 139 0.33 -2.17 13.21
CA LYS A 139 -0.67 -2.17 12.14
C LYS A 139 -2.05 -2.67 12.55
N VAL A 140 -2.12 -3.34 13.70
CA VAL A 140 -3.38 -3.93 14.14
C VAL A 140 -4.28 -2.92 14.83
N PRO A 141 -5.51 -2.74 14.32
CA PRO A 141 -6.45 -1.80 14.95
C PRO A 141 -6.74 -2.19 16.38
N VAL A 142 -6.77 -1.20 17.26
CA VAL A 142 -7.11 -1.42 18.66
C VAL A 142 -8.50 -0.84 18.91
N VAL A 143 -9.42 -1.74 19.30
CA VAL A 143 -10.83 -1.42 19.45
C VAL A 143 -11.28 -1.58 20.92
N PRO A 144 -12.42 -0.95 21.28
CA PRO A 144 -12.83 -1.01 22.70
C PRO A 144 -13.53 -2.33 23.07
N LYS A 145 -12.98 -3.02 24.06
CA LYS A 145 -13.54 -4.29 24.49
C LYS A 145 -15.00 -4.17 24.94
N HIS A 146 -15.32 -3.10 25.66
CA HIS A 146 -16.66 -2.93 26.22
C HIS A 146 -17.72 -2.72 25.13
N VAL A 147 -17.27 -2.59 23.88
CA VAL A 147 -18.18 -2.54 22.76
C VAL A 147 -18.10 -3.83 21.95
N TRP A 148 -16.89 -4.24 21.60
CA TRP A 148 -16.72 -5.34 20.66
C TRP A 148 -16.88 -6.73 21.26
N SER A 149 -16.83 -6.83 22.59
CA SER A 149 -17.12 -8.10 23.27
C SER A 149 -18.58 -8.47 23.09
N LYS A 150 -19.41 -7.46 22.83
CA LYS A 150 -20.85 -7.65 22.67
C LYS A 150 -21.25 -7.72 21.20
N VAL A 151 -20.26 -7.77 20.32
CA VAL A 151 -20.58 -7.80 18.91
C VAL A 151 -20.75 -9.20 18.41
N LYS A 152 -22.01 -9.49 18.09
CA LYS A 152 -22.45 -10.51 17.15
C LYS A 152 -21.33 -11.27 16.41
N ASP A 153 -21.10 -10.83 15.17
CA ASP A 153 -19.99 -11.30 14.35
C ASP A 153 -19.23 -10.10 13.77
N PRO A 154 -18.01 -9.88 14.27
CA PRO A 154 -17.26 -8.68 13.87
C PRO A 154 -16.98 -8.61 12.36
N SER A 155 -16.93 -9.73 11.65
CA SER A 155 -16.61 -9.70 10.21
C SER A 155 -17.75 -9.19 9.34
N THR A 156 -18.91 -8.93 9.93
CA THR A 156 -20.04 -8.37 9.19
C THR A 156 -20.60 -7.17 9.93
N PHE A 157 -20.05 -6.92 11.10
CA PHE A 157 -20.39 -5.76 11.88
C PHE A 157 -19.98 -4.50 11.11
N THR A 158 -20.91 -3.59 10.88
CA THR A 158 -20.60 -2.42 10.06
C THR A 158 -20.20 -1.22 10.92
N ASN A 159 -20.40 -1.35 12.23
CA ASN A 159 -19.92 -0.37 13.20
C ASN A 159 -20.34 1.07 12.84
N GLU A 160 -21.65 1.29 12.73
CA GLU A 160 -22.19 2.53 12.19
C GLU A 160 -22.06 3.73 13.11
N ASN A 161 -22.04 3.47 14.41
CA ASN A 161 -21.84 4.52 15.40
C ASN A 161 -20.59 4.24 16.22
N PRO A 162 -19.42 4.60 15.69
CA PRO A 162 -18.17 4.14 16.28
C PRO A 162 -17.79 4.81 17.61
N VAL A 163 -17.26 4.00 18.51
CA VAL A 163 -16.60 4.50 19.71
C VAL A 163 -15.11 4.37 19.44
N GLY A 164 -14.40 5.48 19.34
CA GLY A 164 -12.99 5.43 18.98
C GLY A 164 -12.06 6.13 19.94
N SER A 165 -10.77 6.04 19.66
CA SER A 165 -9.73 6.68 20.45
C SER A 165 -9.10 7.87 19.75
N GLY A 166 -9.34 7.99 18.45
CA GLY A 166 -8.71 9.01 17.60
C GLY A 166 -9.38 10.37 17.60
N PRO A 167 -8.82 11.32 16.84
CA PRO A 167 -9.29 12.71 16.83
C PRO A 167 -10.73 12.91 16.30
N PHE A 168 -11.20 12.07 15.37
CA PHE A 168 -12.50 12.33 14.74
C PHE A 168 -13.39 11.10 14.75
N THR A 169 -14.28 11.02 15.73
CA THR A 169 -15.09 9.82 15.94
C THR A 169 -16.59 10.10 15.74
N VAL A 170 -16.98 11.36 15.70
CA VAL A 170 -18.40 11.67 15.63
C VAL A 170 -18.91 11.78 14.21
N ILE A 171 -19.94 11.01 13.89
CA ILE A 171 -20.53 11.07 12.55
C ILE A 171 -21.57 12.16 12.50
N ASP A 172 -21.13 13.34 12.09
CA ASP A 172 -21.97 14.54 12.07
C ASP A 172 -23.01 14.48 10.95
N THR A 173 -22.54 14.20 9.74
CA THR A 173 -23.39 14.14 8.57
C THR A 173 -23.10 12.83 7.85
N PHE A 174 -24.13 12.10 7.43
CA PHE A 174 -23.90 10.98 6.52
C PHE A 174 -24.97 10.93 5.41
N THR A 175 -24.50 10.93 4.17
CA THR A 175 -25.33 10.73 2.97
C THR A 175 -24.53 9.90 1.97
N PRO A 176 -25.20 9.36 0.94
CA PRO A 176 -24.49 8.60 -0.10
C PRO A 176 -23.36 9.38 -0.76
N GLN A 177 -23.45 10.71 -0.79
CA GLN A 177 -22.40 11.48 -1.47
C GLN A 177 -21.50 12.33 -0.57
N LEU A 178 -21.73 12.30 0.73
CA LEU A 178 -20.95 13.16 1.62
C LEU A 178 -21.09 12.68 3.04
N TYR A 179 -19.95 12.56 3.74
CA TYR A 179 -20.02 12.41 5.18
C TYR A 179 -19.01 13.32 5.86
N ILE A 180 -19.33 13.67 7.10
CA ILE A 180 -18.54 14.61 7.88
C ILE A 180 -18.27 13.94 9.21
N GLN A 181 -17.00 13.93 9.60
CA GLN A 181 -16.52 13.17 10.74
C GLN A 181 -15.87 14.17 11.69
N CYS A 182 -16.48 14.37 12.86
N CYS A 182 -16.47 14.42 12.84
CA CYS A 182 -16.07 15.45 13.75
CA CYS A 182 -15.92 15.51 13.67
C CYS A 182 -15.30 15.02 15.00
C CYS A 182 -15.31 15.03 14.99
N GLU A 183 -14.72 16.00 15.68
CA GLU A 183 -13.89 15.78 16.85
C GLU A 183 -14.50 14.92 17.94
N ASN A 184 -13.73 13.89 18.30
CA ASN A 184 -13.88 13.12 19.52
C ASN A 184 -13.97 14.07 20.71
N PRO A 185 -15.11 14.05 21.44
CA PRO A 185 -15.33 14.92 22.60
C PRO A 185 -14.40 14.64 23.78
N ASN A 186 -13.78 13.46 23.79
CA ASN A 186 -12.89 13.09 24.87
C ASN A 186 -11.49 12.73 24.39
N TYR A 187 -11.09 13.34 23.28
CA TYR A 187 -9.82 13.02 22.65
C TYR A 187 -8.63 13.37 23.57
N TRP A 188 -7.74 12.41 23.77
CA TRP A 188 -6.64 12.60 24.71
C TRP A 188 -5.67 13.71 24.28
N ASP A 189 -5.49 13.91 22.98
CA ASP A 189 -4.52 14.88 22.49
C ASP A 189 -5.23 16.14 21.93
N ALA A 190 -6.40 16.43 22.49
CA ALA A 190 -7.22 17.55 22.00
C ALA A 190 -6.48 18.89 21.95
N ALA A 191 -5.52 19.10 22.86
CA ALA A 191 -4.80 20.38 22.91
C ALA A 191 -3.93 20.58 21.67
N ASN A 192 -3.57 19.48 21.05
CA ASN A 192 -2.68 19.46 19.89
C ASN A 192 -3.47 19.56 18.59
N LEU A 193 -4.79 19.42 18.67
CA LEU A 193 -5.67 19.39 17.48
C LEU A 193 -6.47 20.69 17.24
N ASP A 194 -6.33 21.25 16.03
CA ASP A 194 -6.99 22.53 15.69
C ASP A 194 -8.01 22.43 14.55
N VAL A 195 -8.13 21.24 13.96
CA VAL A 195 -9.15 20.98 12.95
C VAL A 195 -10.40 20.43 13.61
N ASP A 196 -11.57 20.95 13.26
CA ASP A 196 -12.80 20.53 13.93
C ASP A 196 -13.46 19.28 13.34
N CYS A 197 -13.43 19.15 12.01
N CYS A 197 -13.41 19.15 12.02
CA CYS A 197 -14.13 18.07 11.30
CA CYS A 197 -14.10 18.05 11.33
C CYS A 197 -13.40 17.64 10.04
C CYS A 197 -13.36 17.62 10.06
N LEU A 198 -13.57 16.37 9.65
CA LEU A 198 -13.12 15.89 8.35
C LEU A 198 -14.32 15.82 7.42
N ARG A 199 -14.20 16.48 6.28
CA ARG A 199 -15.27 16.52 5.30
C ARG A 199 -14.90 15.61 4.12
N VAL A 200 -15.71 14.60 3.87
CA VAL A 200 -15.34 13.58 2.88
C VAL A 200 -16.39 13.42 1.76
N PRO A 201 -16.12 14.03 0.60
CA PRO A 201 -17.04 14.00 -0.54
C PRO A 201 -16.87 12.74 -1.40
N GLN A 202 -17.96 12.25 -1.98
CA GLN A 202 -17.90 11.08 -2.85
C GLN A 202 -17.31 11.42 -4.24
N ILE A 203 -16.26 10.72 -4.62
CA ILE A 203 -15.54 10.95 -5.88
C ILE A 203 -15.16 9.58 -6.47
N ALA A 204 -15.60 9.30 -7.68
CA ALA A 204 -15.49 7.95 -8.23
C ALA A 204 -14.22 7.65 -9.02
N ASN A 205 -13.58 8.68 -9.57
CA ASN A 205 -12.44 8.47 -10.45
C ASN A 205 -11.64 9.76 -10.63
N ASN A 206 -10.51 9.67 -11.32
CA ASN A 206 -9.59 10.81 -11.43
C ASN A 206 -10.21 11.95 -12.23
N ASP A 207 -11.14 11.62 -13.11
CA ASP A 207 -11.81 12.65 -13.91
C ASP A 207 -12.69 13.54 -13.04
N GLN A 208 -13.53 12.93 -12.22
CA GLN A 208 -14.38 13.69 -11.31
C GLN A 208 -13.55 14.44 -10.30
N PHE A 209 -12.42 13.86 -9.90
CA PHE A 209 -11.53 14.51 -8.97
C PHE A 209 -10.90 15.78 -9.58
N LEU A 210 -10.46 15.69 -10.82
CA LEU A 210 -9.76 16.82 -11.45
C LEU A 210 -10.63 18.07 -11.48
N GLY A 211 -11.92 17.89 -11.78
CA GLY A 211 -12.83 19.01 -11.79
C GLY A 211 -12.90 19.68 -10.43
N LYS A 212 -13.05 18.88 -9.39
CA LYS A 212 -13.16 19.41 -8.03
C LYS A 212 -11.87 20.05 -7.54
N VAL A 213 -10.71 19.46 -7.82
CA VAL A 213 -9.50 20.01 -7.23
C VAL A 213 -9.05 21.32 -7.92
N VAL A 214 -9.27 21.45 -9.23
CA VAL A 214 -8.78 22.65 -9.91
C VAL A 214 -9.63 23.83 -9.51
N ASN A 215 -10.85 23.55 -9.09
CA ASN A 215 -11.80 24.56 -8.66
C ASN A 215 -11.64 24.93 -7.18
N GLY A 216 -10.52 24.50 -6.59
CA GLY A 216 -10.20 24.80 -5.21
C GLY A 216 -11.11 24.21 -4.13
N GLU A 217 -11.83 23.14 -4.45
CA GLU A 217 -12.81 22.58 -3.52
C GLU A 217 -12.24 21.55 -2.52
N MET A 218 -10.95 21.24 -2.64
CA MET A 218 -10.29 20.25 -1.77
C MET A 218 -9.25 20.90 -0.87
N ASP A 219 -8.94 20.27 0.26
CA ASP A 219 -7.83 20.74 1.10
C ASP A 219 -6.64 19.79 1.01
N TRP A 220 -6.93 18.50 1.13
CA TRP A 220 -5.89 17.51 1.35
C TRP A 220 -6.17 16.27 0.49
N THR A 221 -5.34 16.06 -0.53
CA THR A 221 -5.58 14.96 -1.46
C THR A 221 -4.28 14.29 -1.86
N SER A 222 -4.40 13.10 -2.43
CA SER A 222 -3.24 12.35 -2.87
C SER A 222 -3.53 11.64 -4.19
N SER A 223 -4.33 12.29 -5.05
CA SER A 223 -4.70 11.70 -6.33
C SER A 223 -3.74 12.07 -7.43
N PHE A 224 -3.70 11.24 -8.47
CA PHE A 224 -2.97 11.63 -9.67
C PHE A 224 -3.69 12.80 -10.33
N VAL A 225 -2.90 13.81 -10.70
CA VAL A 225 -3.42 15.01 -11.36
C VAL A 225 -2.63 15.19 -12.65
N PRO A 226 -3.31 15.11 -13.79
CA PRO A 226 -2.62 15.28 -15.08
C PRO A 226 -2.19 16.73 -15.31
N ASP A 227 -0.94 16.93 -15.70
CA ASP A 227 -0.50 18.25 -16.16
C ASP A 227 -0.71 19.24 -15.03
N ILE A 228 -0.16 18.92 -13.86
CA ILE A 228 -0.57 19.57 -12.62
C ILE A 228 -0.28 21.07 -12.58
N ASP A 229 0.78 21.50 -13.25
CA ASP A 229 1.12 22.91 -13.27
C ASP A 229 0.11 23.76 -14.05
N ARG A 230 -0.19 23.34 -15.26
CA ARG A 230 -1.07 24.13 -16.10
C ARG A 230 -2.52 23.97 -15.69
N THR A 231 -2.84 22.90 -14.96
CA THR A 231 -4.23 22.60 -14.65
C THR A 231 -4.61 23.04 -13.24
N TYR A 232 -3.76 22.71 -12.28
CA TYR A 232 -4.13 22.90 -10.89
C TYR A 232 -3.28 23.98 -10.24
N ALA A 233 -1.97 23.90 -10.43
CA ALA A 233 -1.07 24.90 -9.87
C ALA A 233 -1.41 26.30 -10.38
N ALA A 234 -1.53 26.42 -11.69
CA ALA A 234 -1.77 27.72 -12.31
C ALA A 234 -3.15 28.28 -11.96
N ALA A 235 -4.02 27.43 -11.42
CA ALA A 235 -5.36 27.87 -11.06
C ALA A 235 -5.35 28.81 -9.84
N SER A 236 -4.28 28.74 -9.05
CA SER A 236 -4.11 29.59 -7.87
C SER A 236 -2.73 29.41 -7.24
N PRO A 237 -2.19 30.49 -6.64
CA PRO A 237 -0.90 30.35 -5.95
C PRO A 237 -1.09 29.64 -4.61
N LYS A 238 -2.35 29.53 -4.19
CA LYS A 238 -2.72 28.77 -3.00
C LYS A 238 -2.68 27.26 -3.23
N HIS A 239 -2.67 26.86 -4.49
CA HIS A 239 -2.66 25.45 -4.84
C HIS A 239 -1.25 24.89 -4.87
N HIS A 240 -0.94 24.02 -3.92
CA HIS A 240 0.41 23.48 -3.84
C HIS A 240 0.43 21.98 -3.91
N TYR A 241 1.62 21.45 -4.09
CA TYR A 241 1.82 20.02 -4.06
C TYR A 241 3.25 19.71 -3.71
N TRP A 242 3.49 18.49 -3.26
CA TRP A 242 4.81 18.02 -2.93
C TRP A 242 4.78 16.52 -3.18
N TYR A 243 5.60 16.06 -4.12
CA TYR A 243 5.57 14.67 -4.50
C TYR A 243 6.88 13.97 -4.15
N PRO A 244 7.07 13.59 -2.86
CA PRO A 244 8.29 12.84 -2.55
C PRO A 244 8.30 11.42 -3.13
N PRO A 245 9.49 10.82 -3.26
CA PRO A 245 9.63 9.49 -3.89
C PRO A 245 8.91 8.39 -3.14
N ALA A 246 8.22 7.51 -3.87
CA ALA A 246 7.49 6.41 -3.25
C ALA A 246 8.01 5.05 -3.74
N GLY A 247 7.15 4.05 -3.68
CA GLY A 247 7.57 2.67 -3.89
C GLY A 247 7.48 2.15 -5.31
N THR A 248 7.69 0.85 -5.43
CA THR A 248 7.81 0.17 -6.71
C THR A 248 6.45 0.01 -7.38
N GLN A 249 6.43 0.12 -8.70
CA GLN A 249 5.24 -0.26 -9.49
C GLN A 249 5.68 -1.27 -10.53
N ALA A 250 4.86 -2.29 -10.74
CA ALA A 250 5.26 -3.39 -11.62
C ALA A 250 4.09 -4.01 -12.36
N PHE A 251 4.40 -4.71 -13.45
CA PHE A 251 3.48 -5.69 -14.00
C PHE A 251 3.69 -7.00 -13.26
N VAL A 252 2.62 -7.51 -12.68
CA VAL A 252 2.67 -8.78 -11.97
C VAL A 252 1.97 -9.85 -12.80
N VAL A 253 2.62 -10.98 -13.05
CA VAL A 253 2.03 -12.00 -13.90
C VAL A 253 1.52 -13.18 -13.06
N ASN A 254 0.43 -13.78 -13.49
CA ASN A 254 -0.19 -14.89 -12.75
C ASN A 254 0.48 -16.23 -13.13
N PHE A 255 1.26 -16.80 -12.21
CA PHE A 255 1.96 -18.06 -12.47
C PHE A 255 0.97 -19.23 -12.49
N LYS A 256 -0.22 -19.03 -11.94
CA LYS A 256 -1.22 -20.09 -11.98
C LYS A 256 -2.42 -19.75 -12.87
N ASN A 257 -2.16 -19.18 -14.04
CA ASN A 257 -3.26 -18.87 -14.96
C ASN A 257 -3.85 -20.17 -15.48
N PRO A 258 -5.19 -20.31 -15.40
CA PRO A 258 -5.84 -21.56 -15.80
C PRO A 258 -5.85 -21.83 -17.31
N ASP A 259 -5.55 -20.83 -18.14
CA ASP A 259 -5.48 -21.08 -19.58
C ASP A 259 -4.12 -21.65 -20.01
N ALA A 260 -4.15 -22.75 -20.78
CA ALA A 260 -2.93 -23.46 -21.17
C ALA A 260 -1.93 -22.60 -21.97
N ALA A 261 -2.42 -21.88 -22.97
CA ALA A 261 -1.55 -21.05 -23.79
C ALA A 261 -0.96 -19.90 -22.99
N LYS A 262 -1.80 -19.23 -22.19
CA LYS A 262 -1.33 -18.12 -21.40
C LYS A 262 -0.33 -18.56 -20.34
N ASN A 263 -0.61 -19.69 -19.70
CA ASN A 263 0.26 -20.20 -18.66
C ASN A 263 1.63 -20.54 -19.20
N GLU A 264 1.64 -21.13 -20.39
CA GLU A 264 2.88 -21.47 -21.07
C GLU A 264 3.76 -20.23 -21.28
N ALA A 265 3.14 -19.09 -21.60
CA ALA A 265 3.90 -17.88 -21.86
C ALA A 265 4.33 -17.21 -20.55
N LEU A 266 3.36 -16.99 -19.66
CA LEU A 266 3.59 -16.26 -18.42
C LEU A 266 4.60 -16.96 -17.50
N THR A 267 4.62 -18.28 -17.47
CA THR A 267 5.55 -18.97 -16.58
C THR A 267 6.96 -19.12 -17.19
N ASN A 268 7.15 -18.61 -18.40
CA ASN A 268 8.43 -18.73 -19.11
C ASN A 268 9.29 -17.50 -18.80
N VAL A 269 10.51 -17.70 -18.30
CA VAL A 269 11.29 -16.56 -17.84
C VAL A 269 11.85 -15.78 -19.03
N ASP A 270 12.07 -16.43 -20.15
CA ASP A 270 12.53 -15.73 -21.35
C ASP A 270 11.41 -14.80 -21.79
N PHE A 271 10.17 -15.28 -21.64
CA PHE A 271 9.06 -14.46 -22.07
C PHE A 271 8.90 -13.26 -21.15
N ARG A 272 9.11 -13.45 -19.85
CA ARG A 272 8.94 -12.33 -18.92
C ARG A 272 10.00 -11.27 -19.19
N ARG A 273 11.21 -11.71 -19.50
CA ARG A 273 12.30 -10.79 -19.87
C ARG A 273 12.09 -10.06 -21.19
N ALA A 274 11.56 -10.76 -22.19
CA ALA A 274 11.24 -10.13 -23.47
C ALA A 274 10.14 -9.09 -23.27
N PHE A 275 9.09 -9.45 -22.52
CA PHE A 275 8.02 -8.52 -22.11
C PHE A 275 8.64 -7.26 -21.50
N SER A 276 9.57 -7.48 -20.56
CA SER A 276 10.22 -6.40 -19.86
C SER A 276 11.07 -5.49 -20.75
N MET A 277 11.86 -6.07 -21.65
CA MET A 277 12.69 -5.29 -22.57
C MET A 277 11.90 -4.54 -23.64
N ALA A 278 10.68 -4.99 -23.93
CA ALA A 278 9.83 -4.26 -24.87
C ALA A 278 9.32 -2.94 -24.28
N LEU A 279 9.28 -2.86 -22.96
CA LEU A 279 8.74 -1.69 -22.28
C LEU A 279 9.71 -0.50 -22.34
N ASP A 280 9.19 0.66 -22.70
CA ASP A 280 9.92 1.91 -22.64
C ASP A 280 9.50 2.64 -21.37
N ARG A 281 10.21 2.35 -20.29
CA ARG A 281 9.83 2.80 -18.96
C ARG A 281 9.85 4.32 -18.88
N GLN A 282 10.81 4.93 -19.55
CA GLN A 282 10.92 6.37 -19.48
C GLN A 282 9.75 7.02 -20.17
N THR A 283 9.28 6.42 -21.27
CA THR A 283 8.11 6.95 -21.96
C THR A 283 6.84 6.79 -21.08
N ILE A 284 6.75 5.68 -20.37
CA ILE A 284 5.63 5.50 -19.43
C ILE A 284 5.65 6.65 -18.40
N ILE A 285 6.80 6.88 -17.78
CA ILE A 285 6.91 7.96 -16.81
C ILE A 285 6.51 9.32 -17.39
N ASP A 286 7.11 9.72 -18.51
CA ASP A 286 6.81 11.04 -19.12
C ASP A 286 5.38 11.25 -19.57
N ILE A 287 4.79 10.26 -20.23
CA ILE A 287 3.46 10.43 -20.81
C ILE A 287 2.33 10.10 -19.82
N ALA A 288 2.44 8.96 -19.14
CA ALA A 288 1.36 8.51 -18.26
C ALA A 288 1.38 9.22 -16.91
N PHE A 289 2.58 9.56 -16.44
CA PHE A 289 2.72 10.19 -15.12
C PHE A 289 3.26 11.62 -15.21
N TYR A 290 3.34 12.17 -16.42
CA TYR A 290 3.84 13.52 -16.65
C TYR A 290 5.15 13.81 -15.92
N GLY A 291 6.03 12.82 -15.86
CA GLY A 291 7.34 12.99 -15.24
C GLY A 291 7.43 12.51 -13.81
N GLY A 292 6.30 12.26 -13.17
CA GLY A 292 6.28 11.96 -11.75
C GLY A 292 6.72 10.58 -11.34
N GLY A 293 7.92 10.17 -11.75
CA GLY A 293 8.43 8.88 -11.35
C GLY A 293 9.86 8.67 -11.77
N THR A 294 10.43 7.54 -11.37
CA THR A 294 11.80 7.21 -11.70
C THR A 294 11.83 5.82 -12.30
N VAL A 295 12.64 5.65 -13.34
CA VAL A 295 12.81 4.35 -13.97
C VAL A 295 13.28 3.31 -12.95
N ASN A 296 12.66 2.15 -12.94
CA ASN A 296 13.10 1.05 -12.11
C ASN A 296 13.67 -0.07 -12.98
N ASP A 297 15.00 -0.16 -13.08
CA ASP A 297 15.61 -1.22 -13.91
C ASP A 297 16.28 -2.32 -13.10
N PHE A 298 15.88 -2.46 -11.83
CA PHE A 298 16.24 -3.62 -11.01
C PHE A 298 15.28 -4.76 -11.30
N ALA A 299 15.81 -5.91 -11.72
CA ALA A 299 15.01 -7.09 -11.94
C ALA A 299 14.35 -7.52 -10.65
N SER A 300 14.96 -7.17 -9.52
CA SER A 300 14.46 -7.52 -8.19
C SER A 300 13.36 -6.56 -7.70
N GLY A 301 13.23 -5.42 -8.38
CA GLY A 301 12.24 -4.41 -8.03
C GLY A 301 12.73 -3.44 -6.96
N LEU A 302 13.98 -3.63 -6.51
CA LEU A 302 14.56 -2.81 -5.44
C LEU A 302 14.35 -1.31 -5.56
N GLY A 303 14.76 -0.73 -6.68
CA GLY A 303 14.53 0.69 -6.90
C GLY A 303 15.69 1.57 -6.46
N TYR A 304 15.81 2.75 -7.05
CA TYR A 304 16.96 3.61 -6.77
C TYR A 304 16.88 4.27 -5.40
N ALA A 305 15.74 4.19 -4.75
CA ALA A 305 15.65 4.70 -3.39
C ALA A 305 16.52 3.88 -2.47
N PHE A 306 16.65 2.59 -2.77
CA PHE A 306 17.42 1.67 -1.95
C PHE A 306 18.70 1.16 -2.61
N GLU A 307 19.34 1.95 -3.47
CA GLU A 307 20.50 1.41 -4.19
C GLU A 307 21.68 1.10 -3.27
N ALA A 308 21.70 1.66 -2.07
CA ALA A 308 22.75 1.35 -1.11
C ALA A 308 22.64 -0.10 -0.66
N TRP A 309 21.42 -0.62 -0.76
CA TRP A 309 21.13 -2.00 -0.39
C TRP A 309 21.47 -2.98 -1.50
N SER A 310 21.82 -2.47 -2.66
CA SER A 310 21.92 -3.30 -3.86
C SER A 310 23.25 -4.01 -3.97
N ASP A 311 23.19 -5.31 -4.22
CA ASP A 311 24.37 -6.05 -4.66
C ASP A 311 24.56 -5.75 -6.14
N GLU A 312 25.49 -4.86 -6.44
CA GLU A 312 25.55 -4.28 -7.78
C GLU A 312 26.00 -5.27 -8.86
N LYS A 313 26.55 -6.42 -8.46
CA LYS A 313 26.87 -7.44 -9.44
C LYS A 313 25.59 -8.15 -9.87
N THR A 314 24.64 -8.28 -8.96
CA THR A 314 23.35 -8.85 -9.33
C THR A 314 22.56 -7.87 -10.19
N HIS A 315 22.55 -6.62 -9.78
CA HIS A 315 21.79 -5.61 -10.51
C HIS A 315 22.30 -5.46 -11.95
N ASP A 316 23.61 -5.49 -12.14
CA ASP A 316 24.15 -5.23 -13.47
C ASP A 316 24.05 -6.47 -14.37
N LYS A 317 24.08 -7.65 -13.76
CA LYS A 317 23.91 -8.88 -14.51
C LYS A 317 22.53 -8.97 -15.19
N PHE A 318 21.48 -8.47 -14.54
CA PHE A 318 20.12 -8.63 -15.10
C PHE A 318 19.48 -7.33 -15.56
N LYS A 319 20.24 -6.25 -15.47
CA LYS A 319 19.80 -4.90 -15.82
C LYS A 319 19.35 -4.77 -17.26
N ALA A 320 20.00 -5.52 -18.14
CA ALA A 320 19.75 -5.39 -19.57
C ALA A 320 18.35 -5.89 -19.91
N TYR A 321 17.83 -6.77 -19.06
CA TYR A 321 16.53 -7.38 -19.23
C TYR A 321 15.42 -6.45 -18.78
N ASN A 322 15.80 -5.34 -18.18
CA ASN A 322 14.86 -4.44 -17.54
C ASN A 322 15.12 -3.02 -18.03
N SER A 323 15.65 -2.93 -19.23
CA SER A 323 15.81 -1.69 -19.96
C SER A 323 15.12 -1.81 -21.31
N TYR A 324 14.77 -0.68 -21.90
CA TYR A 324 14.18 -0.65 -23.22
C TYR A 324 15.16 -1.16 -24.28
N ASN A 325 14.79 -2.25 -24.94
CA ASN A 325 15.63 -2.86 -25.97
C ASN A 325 14.71 -3.69 -26.85
N ALA A 326 13.96 -3.03 -27.72
CA ALA A 326 12.98 -3.70 -28.56
C ALA A 326 13.59 -4.74 -29.50
N GLU A 327 14.79 -4.45 -30.06
CA GLU A 327 15.45 -5.45 -30.93
C GLU A 327 15.84 -6.69 -30.11
N GLY A 328 16.33 -6.45 -28.90
CA GLY A 328 16.72 -7.52 -27.98
C GLY A 328 15.52 -8.37 -27.58
N ALA A 329 14.39 -7.71 -27.36
CA ALA A 329 13.14 -8.41 -27.05
C ALA A 329 12.76 -9.35 -28.20
N LYS A 330 12.83 -8.84 -29.43
CA LYS A 330 12.48 -9.64 -30.60
C LYS A 330 13.44 -10.81 -30.75
N LYS A 331 14.72 -10.56 -30.51
CA LYS A 331 15.71 -11.62 -30.60
C LYS A 331 15.47 -12.68 -29.54
N LEU A 332 15.16 -12.25 -28.31
CA LEU A 332 14.91 -13.20 -27.22
C LEU A 332 13.69 -14.07 -27.49
N LEU A 333 12.63 -13.49 -28.05
CA LEU A 333 11.43 -14.27 -28.38
C LEU A 333 11.78 -15.34 -29.41
N ALA A 334 12.56 -14.95 -30.41
CA ALA A 334 13.01 -15.85 -31.46
C ALA A 334 13.88 -16.98 -30.91
N LYS A 335 14.81 -16.65 -30.03
CA LYS A 335 15.68 -17.66 -29.44
C LYS A 335 14.90 -18.60 -28.53
N ALA A 336 13.89 -18.06 -27.86
CA ALA A 336 13.14 -18.82 -26.87
C ALA A 336 12.14 -19.75 -27.54
N GLY A 337 11.76 -19.40 -28.75
CA GLY A 337 10.87 -20.21 -29.52
C GLY A 337 9.46 -19.71 -29.62
N PHE A 338 9.24 -18.44 -29.27
CA PHE A 338 7.93 -17.83 -29.42
C PHE A 338 7.87 -17.31 -30.84
N LYS A 339 7.38 -18.17 -31.72
CA LYS A 339 7.38 -17.93 -33.15
C LYS A 339 5.96 -17.70 -33.66
N ASP A 340 5.77 -16.69 -34.51
CA ASP A 340 4.48 -16.47 -35.17
C ASP A 340 4.26 -17.49 -36.28
N VAL A 341 3.34 -18.42 -36.04
CA VAL A 341 3.08 -19.49 -36.98
C VAL A 341 1.69 -19.44 -37.64
N ASN A 342 0.95 -18.35 -37.45
CA ASN A 342 -0.30 -18.23 -38.22
C ASN A 342 -0.39 -16.90 -38.98
N LYS A 343 0.76 -16.28 -39.21
CA LYS A 343 0.91 -15.15 -40.11
C LYS A 343 0.19 -13.86 -39.71
N ASP A 344 -0.13 -13.68 -38.43
CA ASP A 344 -0.86 -12.48 -38.04
C ASP A 344 0.08 -11.42 -37.44
N GLY A 345 1.34 -11.78 -37.26
CA GLY A 345 2.33 -10.82 -36.79
C GLY A 345 2.59 -10.87 -35.30
N PHE A 346 1.81 -11.67 -34.58
CA PHE A 346 1.99 -11.85 -33.15
C PHE A 346 2.59 -13.22 -32.86
N VAL A 347 3.55 -13.27 -31.95
CA VAL A 347 4.16 -14.53 -31.61
C VAL A 347 3.14 -15.47 -30.97
N ASP A 348 3.36 -16.76 -31.17
CA ASP A 348 2.55 -17.79 -30.55
C ASP A 348 3.44 -18.54 -29.56
N THR A 349 2.87 -19.40 -28.71
CA THR A 349 3.65 -20.14 -27.72
C THR A 349 4.56 -21.19 -28.41
N PRO A 350 5.53 -21.76 -27.66
CA PRO A 350 6.33 -22.86 -28.22
C PRO A 350 5.49 -24.02 -28.76
N SER A 351 4.32 -24.29 -28.16
CA SER A 351 3.47 -25.39 -28.59
C SER A 351 2.55 -24.97 -29.73
N GLY A 352 2.75 -23.76 -30.24
CA GLY A 352 2.06 -23.32 -31.43
C GLY A 352 0.75 -22.58 -31.20
N LYS A 353 0.42 -22.31 -29.94
CA LYS A 353 -0.87 -21.71 -29.58
C LYS A 353 -0.88 -20.18 -29.62
N SER A 354 -1.94 -19.61 -30.20
CA SER A 354 -2.13 -18.17 -30.20
C SER A 354 -2.53 -17.72 -28.81
N PHE A 355 -2.23 -16.49 -28.46
CA PHE A 355 -2.66 -16.00 -27.16
C PHE A 355 -2.67 -14.48 -27.12
N GLU A 356 -3.51 -13.93 -26.25
CA GLU A 356 -3.50 -12.50 -25.95
C GLU A 356 -3.40 -12.35 -24.42
N LEU A 357 -2.56 -11.43 -23.96
CA LEU A 357 -2.45 -11.16 -22.53
C LEU A 357 -3.44 -10.06 -22.16
N LEU A 358 -4.33 -10.34 -21.20
CA LEU A 358 -5.20 -9.30 -20.69
C LEU A 358 -4.54 -8.61 -19.49
N ILE A 359 -4.23 -7.33 -19.64
CA ILE A 359 -3.56 -6.55 -18.59
C ILE A 359 -4.54 -5.65 -17.86
N GLN A 360 -4.69 -5.85 -16.55
CA GLN A 360 -5.66 -5.08 -15.77
C GLN A 360 -4.99 -4.00 -14.89
N SER A 361 -5.68 -2.87 -14.77
CA SER A 361 -5.35 -1.86 -13.76
C SER A 361 -6.69 -1.33 -13.19
N PRO A 362 -6.65 -0.63 -12.04
CA PRO A 362 -7.93 -0.26 -11.40
C PRO A 362 -8.68 0.82 -12.16
N ASN A 363 -10.00 0.69 -12.23
CA ASN A 363 -10.87 1.73 -12.80
C ASN A 363 -10.65 3.09 -12.11
N GLY A 364 -10.56 4.13 -12.91
CA GLY A 364 -10.42 5.48 -12.38
C GLY A 364 -8.98 5.90 -12.16
N ALA A 365 -8.07 4.93 -12.13
CA ALA A 365 -6.66 5.20 -11.91
C ALA A 365 -6.01 5.48 -13.25
N THR A 366 -6.31 6.65 -13.79
CA THR A 366 -5.96 6.97 -15.18
C THR A 366 -4.45 6.93 -15.48
N ASP A 367 -3.61 7.27 -14.50
CA ASP A 367 -2.17 7.16 -14.70
C ASP A 367 -1.75 5.70 -14.91
N PHE A 368 -2.31 4.79 -14.11
CA PHE A 368 -2.06 3.38 -14.31
C PHE A 368 -2.74 2.88 -15.59
N ASN A 369 -3.94 3.39 -15.88
CA ASN A 369 -4.63 2.99 -17.10
C ASN A 369 -3.82 3.38 -18.34
N ASN A 370 -3.27 4.58 -18.32
CA ASN A 370 -2.55 5.05 -19.50
C ASN A 370 -1.23 4.30 -19.64
N THR A 371 -0.65 3.91 -18.51
CA THR A 371 0.54 3.07 -18.49
C THR A 371 0.31 1.75 -19.19
N VAL A 372 -0.78 1.07 -18.83
CA VAL A 372 -1.08 -0.21 -19.45
C VAL A 372 -1.34 -0.04 -20.96
N GLN A 373 -2.00 1.04 -21.37
CA GLN A 373 -2.26 1.22 -22.80
C GLN A 373 -0.95 1.51 -23.56
N LEU A 374 -0.05 2.26 -22.95
CA LEU A 374 1.27 2.44 -23.56
C LEU A 374 2.01 1.09 -23.65
N ALA A 375 1.94 0.27 -22.60
CA ALA A 375 2.61 -1.03 -22.63
C ALA A 375 2.02 -1.93 -23.74
N VAL A 376 0.70 -1.91 -23.88
CA VAL A 376 0.05 -2.70 -24.93
C VAL A 376 0.60 -2.32 -26.31
N GLU A 377 0.82 -1.03 -26.55
CA GLU A 377 1.34 -0.62 -27.84
C GLU A 377 2.82 -1.00 -27.99
N GLN A 378 3.58 -0.91 -26.91
CA GLN A 378 5.00 -1.25 -26.96
C GLN A 378 5.20 -2.75 -27.16
N LEU A 379 4.34 -3.54 -26.53
CA LEU A 379 4.36 -4.98 -26.70
C LEU A 379 4.02 -5.39 -28.13
N ALA A 380 3.03 -4.75 -28.73
CA ALA A 380 2.64 -5.07 -30.11
C ALA A 380 3.83 -4.89 -31.07
N GLU A 381 4.68 -3.92 -30.81
CA GLU A 381 5.87 -3.68 -31.64
C GLU A 381 6.86 -4.84 -31.65
N VAL A 382 6.88 -5.64 -30.59
CA VAL A 382 7.76 -6.80 -30.60
C VAL A 382 6.98 -8.09 -30.88
N GLY A 383 5.70 -7.96 -31.18
CA GLY A 383 4.87 -9.10 -31.56
C GLY A 383 4.13 -9.79 -30.44
N ILE A 384 4.05 -9.16 -29.27
CA ILE A 384 3.26 -9.71 -28.16
C ILE A 384 1.86 -9.09 -28.17
N LYS A 385 0.83 -9.94 -28.26
CA LYS A 385 -0.52 -9.45 -28.32
C LYS A 385 -1.11 -9.22 -26.94
N ALA A 386 -1.53 -7.98 -26.66
CA ALA A 386 -2.13 -7.72 -25.35
C ALA A 386 -3.30 -6.75 -25.45
N ARG A 387 -4.16 -6.74 -24.43
CA ARG A 387 -5.29 -5.81 -24.36
C ARG A 387 -5.47 -5.28 -22.95
N ALA A 388 -5.83 -4.00 -22.84
CA ALA A 388 -5.99 -3.35 -21.54
C ALA A 388 -7.39 -3.56 -20.97
N ARG A 389 -7.44 -3.75 -19.66
CA ARG A 389 -8.71 -3.80 -18.93
C ARG A 389 -8.63 -2.89 -17.72
N THR A 390 -9.73 -2.22 -17.38
CA THR A 390 -9.72 -1.30 -16.22
C THR A 390 -10.85 -1.58 -15.21
N PRO A 391 -10.90 -2.81 -14.65
CA PRO A 391 -11.98 -3.19 -13.73
C PRO A 391 -12.00 -2.35 -12.46
N ASP A 392 -13.20 -2.16 -11.91
CA ASP A 392 -13.40 -1.59 -10.58
C ASP A 392 -12.42 -2.22 -9.58
N PHE A 393 -11.94 -1.44 -8.62
CA PHE A 393 -10.93 -1.92 -7.69
C PHE A 393 -11.30 -3.23 -7.02
N SER A 394 -12.53 -3.38 -6.53
CA SER A 394 -12.91 -4.64 -5.88
C SER A 394 -12.80 -5.83 -6.84
N VAL A 395 -13.19 -5.65 -8.11
CA VAL A 395 -13.08 -6.70 -9.14
C VAL A 395 -11.61 -7.00 -9.50
N TYR A 396 -10.83 -5.93 -9.70
CA TYR A 396 -9.39 -6.00 -9.90
C TYR A 396 -8.76 -6.80 -8.77
N ASN A 397 -9.12 -6.44 -7.56
CA ASN A 397 -8.57 -7.07 -6.38
C ASN A 397 -8.98 -8.53 -6.29
N GLN A 398 -10.26 -8.81 -6.44
CA GLN A 398 -10.76 -10.18 -6.33
C GLN A 398 -10.13 -11.10 -7.38
N ALA A 399 -9.93 -10.59 -8.59
CA ALA A 399 -9.39 -11.43 -9.64
C ALA A 399 -7.95 -11.83 -9.36
N MET A 400 -7.24 -11.01 -8.59
CA MET A 400 -5.89 -11.37 -8.18
C MET A 400 -5.95 -12.37 -7.02
N LEU A 401 -6.77 -12.08 -6.03
CA LEU A 401 -6.94 -12.99 -4.90
C LEU A 401 -7.37 -14.39 -5.37
N GLU A 402 -8.16 -14.47 -6.43
CA GLU A 402 -8.65 -15.75 -6.92
C GLU A 402 -7.78 -16.39 -8.00
N GLY A 403 -6.83 -15.64 -8.55
CA GLY A 403 -5.99 -16.15 -9.60
C GLY A 403 -6.64 -16.35 -10.96
N THR A 404 -7.61 -15.50 -11.32
CA THR A 404 -8.23 -15.59 -12.63
C THR A 404 -7.59 -14.61 -13.65
N TYR A 405 -6.85 -13.63 -13.17
CA TYR A 405 -6.23 -12.62 -14.04
C TYR A 405 -5.02 -13.13 -14.83
N ASP A 406 -4.62 -12.38 -15.87
CA ASP A 406 -3.42 -12.71 -16.63
C ASP A 406 -2.21 -11.92 -16.11
N VAL A 407 -2.27 -10.61 -16.30
CA VAL A 407 -1.23 -9.67 -15.90
C VAL A 407 -1.92 -8.50 -15.18
N ALA A 408 -1.36 -8.00 -14.09
CA ALA A 408 -1.93 -6.84 -13.39
C ALA A 408 -0.84 -5.78 -13.19
N TYR A 409 -1.17 -4.52 -13.44
CA TYR A 409 -0.28 -3.44 -13.09
C TYR A 409 -0.62 -2.99 -11.68
N THR A 410 0.38 -2.92 -10.80
CA THR A 410 0.09 -2.54 -9.42
C THR A 410 1.23 -1.78 -8.76
N ASN A 411 0.90 -0.90 -7.82
CA ASN A 411 1.93 -0.39 -6.94
C ASN A 411 1.98 -1.19 -5.65
N TYR A 412 2.94 -0.82 -4.82
CA TYR A 412 3.21 -1.49 -3.57
C TYR A 412 3.42 -0.45 -2.51
N PHE A 413 3.15 -0.83 -1.27
CA PHE A 413 3.56 0.03 -0.17
C PHE A 413 5.09 0.06 -0.09
N HIS A 414 5.58 1.15 0.49
CA HIS A 414 6.99 1.53 0.47
C HIS A 414 7.48 1.77 1.91
N GLY A 415 8.45 1.02 2.37
CA GLY A 415 8.93 1.20 3.75
C GLY A 415 10.21 1.98 3.92
N ALA A 416 10.82 1.81 5.09
CA ALA A 416 12.07 2.47 5.42
C ALA A 416 13.24 1.65 4.91
N ASP A 417 12.97 0.37 4.66
CA ASP A 417 13.97 -0.51 4.05
C ASP A 417 13.29 -1.40 2.98
N PRO A 418 14.08 -2.21 2.24
CA PRO A 418 13.42 -2.94 1.15
C PRO A 418 12.48 -4.05 1.62
N TYR A 419 12.41 -4.31 2.91
CA TYR A 419 11.62 -5.45 3.37
C TYR A 419 10.11 -5.25 3.17
N THR A 420 9.65 -4.01 3.30
CA THR A 420 8.22 -3.77 3.16
C THR A 420 7.78 -4.18 1.76
N TYR A 421 8.52 -3.72 0.75
CA TYR A 421 8.29 -4.15 -0.63
C TYR A 421 8.46 -5.66 -0.81
N TRP A 422 9.64 -6.21 -0.47
CA TRP A 422 9.94 -7.59 -0.83
C TRP A 422 9.06 -8.61 -0.10
N ASN A 423 8.79 -8.35 1.17
CA ASN A 423 7.99 -9.31 1.93
C ASN A 423 6.56 -9.35 1.40
N SER A 424 5.96 -8.17 1.26
CA SER A 424 4.56 -8.11 0.78
C SER A 424 4.45 -8.62 -0.65
N ALA A 425 5.49 -8.43 -1.47
CA ALA A 425 5.44 -8.83 -2.88
C ALA A 425 5.78 -10.29 -3.14
N TYR A 426 6.50 -10.95 -2.25
CA TYR A 426 7.04 -12.26 -2.59
C TYR A 426 6.85 -13.35 -1.54
N ASN A 427 6.47 -12.99 -0.31
CA ASN A 427 6.30 -14.02 0.71
C ASN A 427 5.08 -14.89 0.42
N SER A 428 5.32 -16.17 0.12
CA SER A 428 4.26 -17.07 -0.29
C SER A 428 3.19 -17.28 0.80
N ALA A 429 3.54 -16.93 2.03
CA ALA A 429 2.59 -17.09 3.13
C ALA A 429 1.44 -16.11 2.97
N LEU A 430 1.70 -14.99 2.30
CA LEU A 430 0.71 -13.94 2.10
C LEU A 430 -0.18 -14.20 0.86
N GLN A 431 -0.05 -15.38 0.27
CA GLN A 431 -0.81 -15.71 -0.94
C GLN A 431 -2.12 -16.42 -0.60
N SER A 432 -2.30 -16.70 0.69
CA SER A 432 -3.51 -17.37 1.17
C SER A 432 -4.05 -16.60 2.38
N GLY A 433 -5.37 -16.44 2.42
CA GLY A 433 -6.00 -15.70 3.51
C GLY A 433 -7.03 -14.69 3.02
N ASP A 434 -8.19 -14.70 3.65
CA ASP A 434 -9.31 -13.86 3.20
C ASP A 434 -9.03 -12.38 3.40
N GLY A 435 -8.28 -12.03 4.44
CA GLY A 435 -7.93 -10.65 4.70
C GLY A 435 -6.74 -10.17 3.89
N MET A 436 -6.08 -11.09 3.19
CA MET A 436 -4.83 -10.78 2.46
C MET A 436 -5.04 -9.79 1.32
N PRO A 437 -4.09 -8.87 1.14
CA PRO A 437 -4.10 -7.91 0.03
C PRO A 437 -3.58 -8.57 -1.24
N ARG A 438 -3.51 -7.82 -2.32
CA ARG A 438 -3.23 -8.41 -3.63
C ARG A 438 -1.74 -8.65 -3.91
N PHE A 439 -0.88 -8.03 -3.10
CA PHE A 439 0.51 -7.77 -3.49
C PHE A 439 1.34 -9.01 -3.79
N ALA A 440 1.07 -10.12 -3.12
CA ALA A 440 1.83 -11.36 -3.34
C ALA A 440 1.16 -12.33 -4.31
N MET A 441 0.07 -11.94 -4.93
CA MET A 441 -0.76 -12.91 -5.65
C MET A 441 -0.35 -13.18 -7.10
N HIS A 442 0.94 -13.41 -7.34
CA HIS A 442 1.41 -14.00 -8.60
C HIS A 442 1.49 -15.52 -8.47
N PHE A 443 1.58 -15.98 -7.23
CA PHE A 443 1.60 -17.40 -6.85
C PHE A 443 2.89 -18.10 -7.27
N TYR A 444 3.95 -17.31 -7.48
CA TYR A 444 5.31 -17.85 -7.54
C TYR A 444 5.67 -18.19 -6.10
N LYS A 445 6.21 -19.37 -5.89
CA LYS A 445 6.54 -19.84 -4.55
C LYS A 445 7.91 -20.46 -4.52
N ASN A 446 8.76 -19.90 -3.68
CA ASN A 446 10.15 -20.31 -3.53
C ASN A 446 10.47 -20.40 -2.05
N GLU A 447 10.71 -21.62 -1.56
CA GLU A 447 10.86 -21.83 -0.13
C GLU A 447 12.14 -21.18 0.41
N LYS A 448 13.18 -21.19 -0.39
CA LYS A 448 14.42 -20.50 -0.05
C LYS A 448 14.18 -19.00 0.13
N LEU A 449 13.36 -18.43 -0.73
CA LEU A 449 13.07 -16.99 -0.68
C LEU A 449 12.27 -16.63 0.56
N ASP A 450 11.25 -17.44 0.87
CA ASP A 450 10.49 -17.25 2.10
C ASP A 450 11.40 -17.35 3.32
N GLY A 451 12.22 -18.40 3.36
CA GLY A 451 13.20 -18.58 4.42
C GLY A 451 14.05 -17.35 4.67
N LEU A 452 14.60 -16.78 3.61
CA LEU A 452 15.35 -15.53 3.72
C LEU A 452 14.49 -14.39 4.24
N LEU A 453 13.26 -14.27 3.72
CA LEU A 453 12.38 -13.20 4.14
C LEU A 453 12.10 -13.29 5.64
N ASN A 454 11.76 -14.49 6.09
CA ASN A 454 11.41 -14.69 7.48
C ASN A 454 12.60 -14.57 8.42
N SER A 455 13.81 -14.52 7.88
CA SER A 455 15.00 -14.42 8.72
CA SER A 455 14.99 -14.41 8.73
C SER A 455 15.60 -13.02 8.69
N PHE A 456 14.98 -12.13 7.92
CA PHE A 456 15.51 -10.79 7.73
C PHE A 456 15.77 -10.03 9.05
N TYR A 457 14.90 -10.23 10.04
CA TYR A 457 15.05 -9.53 11.30
C TYR A 457 15.35 -10.48 12.47
N LYS A 458 15.86 -11.68 12.17
CA LYS A 458 16.28 -12.62 13.21
C LYS A 458 17.34 -12.00 14.11
N THR A 459 18.11 -11.07 13.57
CA THR A 459 19.10 -10.36 14.33
C THR A 459 18.85 -8.86 14.26
N ALA A 460 19.50 -8.13 15.15
CA ALA A 460 19.49 -6.68 15.10
C ALA A 460 20.57 -6.17 14.14
N ASP A 461 21.60 -6.99 13.96
CA ASP A 461 22.78 -6.66 13.15
C ASP A 461 22.38 -6.30 11.71
N LYS A 462 22.61 -5.05 11.33
CA LYS A 462 22.16 -4.57 10.03
C LYS A 462 23.05 -5.08 8.90
N GLN A 463 24.29 -5.44 9.23
CA GLN A 463 25.18 -5.98 8.20
C GLN A 463 24.72 -7.35 7.74
N GLU A 464 24.16 -8.13 8.65
CA GLU A 464 23.59 -9.43 8.29
C GLU A 464 22.24 -9.24 7.59
N GLN A 465 21.55 -8.14 7.87
CA GLN A 465 20.35 -7.82 7.12
C GLN A 465 20.71 -7.56 5.67
N LEU A 466 21.73 -6.73 5.47
CA LEU A 466 22.17 -6.34 4.15
C LEU A 466 22.55 -7.55 3.29
N GLU A 467 23.10 -8.59 3.93
CA GLU A 467 23.50 -9.78 3.20
C GLU A 467 22.30 -10.66 2.87
N ILE A 468 21.34 -10.73 3.78
CA ILE A 468 20.08 -11.36 3.48
C ILE A 468 19.40 -10.63 2.32
N ALA A 469 19.46 -9.30 2.35
CA ALA A 469 18.96 -8.49 1.24
C ALA A 469 19.55 -8.98 -0.07
N HIS A 470 20.88 -9.08 -0.11
CA HIS A 470 21.60 -9.49 -1.31
C HIS A 470 21.16 -10.86 -1.81
N GLY A 471 20.93 -11.78 -0.88
CA GLY A 471 20.42 -13.10 -1.24
C GLY A 471 19.02 -13.01 -1.85
N ILE A 472 18.17 -12.15 -1.28
CA ILE A 472 16.81 -12.00 -1.76
C ILE A 472 16.84 -11.40 -3.17
N GLN A 473 17.66 -10.37 -3.33
CA GLN A 473 17.81 -9.68 -4.60
C GLN A 473 18.20 -10.64 -5.72
N GLN A 474 19.15 -11.54 -5.43
CA GLN A 474 19.64 -12.50 -6.40
C GLN A 474 18.58 -13.50 -6.83
N ILE A 475 17.88 -14.11 -5.87
CA ILE A 475 16.82 -15.03 -6.19
C ILE A 475 15.76 -14.41 -7.13
N ILE A 476 15.26 -13.24 -6.75
CA ILE A 476 14.18 -12.61 -7.50
C ILE A 476 14.64 -12.14 -8.89
N ALA A 477 15.84 -11.57 -8.97
CA ALA A 477 16.34 -11.11 -10.28
C ALA A 477 16.56 -12.28 -11.24
N GLN A 478 17.10 -13.35 -10.70
CA GLN A 478 17.38 -14.56 -11.47
C GLN A 478 16.12 -15.11 -12.12
N ASP A 479 14.99 -14.97 -11.44
CA ASP A 479 13.75 -15.56 -11.92
C ASP A 479 12.83 -14.56 -12.61
N GLN A 480 13.20 -13.27 -12.59
CA GLN A 480 12.40 -12.18 -13.18
C GLN A 480 10.95 -12.41 -12.81
N VAL A 481 10.67 -12.40 -11.51
CA VAL A 481 9.39 -12.86 -11.01
C VAL A 481 8.28 -11.92 -11.44
N THR A 482 8.53 -10.62 -11.33
CA THR A 482 7.59 -9.62 -11.82
C THR A 482 8.33 -8.76 -12.82
N ILE A 483 7.66 -7.79 -13.42
CA ILE A 483 8.34 -6.86 -14.31
C ILE A 483 8.25 -5.45 -13.72
N PRO A 484 9.27 -5.08 -12.94
CA PRO A 484 9.24 -3.76 -12.32
C PRO A 484 9.39 -2.67 -13.39
N VAL A 485 8.65 -1.58 -13.22
CA VAL A 485 8.62 -0.53 -14.24
C VAL A 485 9.26 0.74 -13.73
N LEU A 486 8.74 1.23 -12.61
CA LEU A 486 9.18 2.52 -12.08
C LEU A 486 9.07 2.56 -10.56
N SER A 487 9.67 3.58 -9.98
CA SER A 487 9.33 3.98 -8.61
C SER A 487 8.47 5.22 -8.71
N GLY A 488 7.32 5.17 -8.06
CA GLY A 488 6.36 6.24 -8.15
C GLY A 488 6.65 7.35 -7.16
N ALA A 489 5.63 8.15 -6.92
CA ALA A 489 5.73 9.28 -6.01
C ALA A 489 4.53 9.28 -5.09
N TYR A 490 4.72 9.80 -3.89
CA TYR A 490 3.63 10.01 -2.98
C TYR A 490 2.85 11.23 -3.43
N MET A 491 1.95 11.09 -4.39
CA MET A 491 1.22 12.25 -4.89
C MET A 491 0.53 12.90 -3.72
N TYR A 492 0.64 14.22 -3.66
CA TYR A 492 0.05 14.95 -2.55
C TYR A 492 -0.19 16.39 -2.95
N GLN A 493 -1.43 16.82 -2.80
CA GLN A 493 -1.83 18.17 -3.14
C GLN A 493 -2.43 18.78 -1.89
N TYR A 494 -2.04 20.02 -1.61
CA TYR A 494 -2.59 20.73 -0.47
C TYR A 494 -2.93 22.16 -0.82
N ASN A 495 -3.97 22.65 -0.18
CA ASN A 495 -4.52 23.96 -0.43
C ASN A 495 -4.25 24.87 0.78
N THR A 496 -3.49 25.95 0.61
CA THR A 496 -3.25 26.87 1.73
C THR A 496 -4.34 27.93 1.90
N THR A 497 -5.48 27.72 1.27
CA THR A 497 -6.57 28.68 1.33
C THR A 497 -7.20 28.75 2.70
N ARG A 498 -7.43 27.58 3.31
CA ARG A 498 -8.18 27.51 4.54
C ARG A 498 -7.34 27.01 5.71
N PHE A 499 -6.19 26.40 5.40
CA PHE A 499 -5.36 25.83 6.45
C PHE A 499 -3.89 26.10 6.23
N THR A 500 -3.13 26.11 7.32
CA THR A 500 -1.69 26.17 7.24
C THR A 500 -1.08 25.08 8.11
N GLY A 501 0.23 24.89 8.00
CA GLY A 501 0.92 23.91 8.81
C GLY A 501 1.26 22.64 8.04
N TRP A 502 1.01 22.67 6.72
CA TRP A 502 1.21 21.51 5.86
C TRP A 502 2.64 21.03 5.79
N TRP A 503 2.81 19.72 5.67
CA TRP A 503 4.11 19.17 5.33
C TRP A 503 4.43 19.50 3.87
N ASN A 504 5.70 19.77 3.59
CA ASN A 504 6.13 20.04 2.22
C ASN A 504 7.64 19.96 2.08
N GLU A 505 8.14 20.40 0.93
CA GLU A 505 9.57 20.41 0.61
C GLU A 505 10.40 21.07 1.71
N GLU A 506 9.89 22.19 2.22
CA GLU A 506 10.60 22.99 3.22
C GLU A 506 10.32 22.48 4.63
N ASN A 507 9.27 21.68 4.76
CA ASN A 507 8.84 21.15 6.04
C ASN A 507 8.59 19.64 5.92
N PRO A 508 9.62 18.85 5.61
CA PRO A 508 9.43 17.44 5.25
C PRO A 508 9.25 16.50 6.43
N LYS A 509 8.17 16.67 7.20
CA LYS A 509 8.07 15.96 8.47
C LYS A 509 7.77 14.47 8.31
N GLY A 510 7.17 14.08 7.19
CA GLY A 510 6.94 12.67 6.93
C GLY A 510 6.18 12.43 5.65
N ARG A 511 5.80 11.18 5.38
CA ARG A 511 4.93 10.90 4.24
C ARG A 511 3.65 11.73 4.38
N PRO A 512 3.34 12.56 3.39
CA PRO A 512 2.27 13.56 3.52
C PRO A 512 0.85 13.15 3.11
N ASN A 513 0.67 11.90 2.68
CA ASN A 513 -0.55 11.50 1.99
C ASN A 513 -1.74 11.20 2.86
N ILE A 514 -2.90 11.14 2.24
CA ILE A 514 -4.13 11.02 2.99
C ILE A 514 -4.73 9.60 2.91
N TRP A 515 -4.04 8.68 2.22
CA TRP A 515 -4.52 7.31 2.08
C TRP A 515 -4.59 6.53 3.39
N ALA A 516 -5.57 5.63 3.50
CA ALA A 516 -5.51 4.61 4.54
C ALA A 516 -4.22 3.81 4.35
N GLY A 517 -3.59 3.41 5.45
CA GLY A 517 -2.33 2.69 5.35
C GLY A 517 -1.13 3.62 5.40
N ILE A 518 -1.39 4.92 5.53
CA ILE A 518 -0.34 5.89 5.84
C ILE A 518 -0.60 6.42 7.24
N PRO A 519 -0.09 5.73 8.27
CA PRO A 519 -0.41 6.10 9.65
C PRO A 519 0.03 7.53 9.99
N GLU A 520 1.02 8.04 9.26
CA GLU A 520 1.49 9.40 9.47
C GLU A 520 0.42 10.46 9.25
N ARG A 521 -0.65 10.16 8.52
CA ARG A 521 -1.69 11.17 8.31
C ARG A 521 -2.31 11.62 9.63
N LEU A 522 -2.28 10.78 10.67
CA LEU A 522 -2.68 11.22 12.01
C LEU A 522 -1.82 12.38 12.47
N LEU A 523 -0.51 12.24 12.33
CA LEU A 523 0.44 13.25 12.82
C LEU A 523 0.34 14.51 11.95
N HIS A 524 0.04 14.32 10.68
CA HIS A 524 -0.10 15.44 9.75
C HIS A 524 -1.33 16.30 10.09
N VAL A 525 -2.48 15.68 10.35
CA VAL A 525 -3.68 16.46 10.65
C VAL A 525 -3.49 17.23 11.97
N LEU A 526 -2.65 16.70 12.86
CA LEU A 526 -2.36 17.36 14.15
C LEU A 526 -1.52 18.61 13.95
N ASP A 527 -0.82 18.72 12.82
CA ASP A 527 -0.04 19.94 12.55
C ASP A 527 -0.87 21.04 11.87
N LEU A 528 -2.08 20.73 11.44
CA LEU A 528 -2.85 21.70 10.66
C LEU A 528 -3.60 22.70 11.54
N LYS A 529 -3.60 23.97 11.10
CA LYS A 529 -4.32 25.03 11.79
C LYS A 529 -5.11 25.89 10.80
N PRO A 530 -6.30 26.34 11.19
CA PRO A 530 -7.10 27.18 10.29
C PRO A 530 -6.55 28.61 10.19
C1 NAG B . -3.96 3.02 -1.82
C2 NAG B . -3.14 2.81 -3.10
C3 NAG B . -3.11 4.12 -3.86
C4 NAG B . -4.52 4.64 -4.13
C5 NAG B . -5.37 4.60 -2.86
C6 NAG B . -6.83 4.98 -3.08
C7 NAG B . -1.48 1.06 -2.77
C8 NAG B . -0.06 0.71 -2.43
N2 NAG B . -1.79 2.36 -2.85
O1 NAG B . -3.99 1.86 -1.00
O3 NAG B . -2.41 3.90 -5.09
O4 NAG B . -4.45 5.98 -4.62
O5 NAG B . -5.30 3.31 -2.23
O6 NAG B . -7.40 4.17 -4.12
O7 NAG B . -2.32 0.19 -2.96
C1 NAG B . -4.80 6.06 -6.00
C2 NAG B . -5.32 7.46 -6.30
C3 NAG B . -5.54 7.64 -7.80
C4 NAG B . -4.31 7.22 -8.60
C5 NAG B . -3.91 5.80 -8.18
C6 NAG B . -2.68 5.31 -8.92
C7 NAG B . -6.70 8.47 -4.54
C8 NAG B . -8.07 8.54 -3.92
N2 NAG B . -6.59 7.71 -5.63
O3 NAG B . -5.89 9.01 -8.05
O4 NAG B . -4.59 7.26 -10.00
O5 NAG B . -3.63 5.81 -6.77
O6 NAG B . -1.59 6.24 -8.89
O7 NAG B . -5.75 9.06 -4.07
C1 EDO C . 7.20 20.77 -6.72
O1 EDO C . 7.13 19.42 -6.22
C2 EDO C . 6.65 21.71 -5.65
O2 EDO C . 7.35 21.40 -4.44
CA CA D . -0.90 20.81 16.67
CA CA E . 0.46 -15.63 -34.32
CL CL F . 18.20 -6.42 -9.20
MG MG G . -7.97 21.54 20.35
#